data_3VB4
#
_entry.id   3VB4
#
_cell.length_a   52.322
_cell.length_b   97.103
_cell.length_c   67.405
_cell.angle_alpha   90.00
_cell.angle_beta   103.17
_cell.angle_gamma   90.00
#
_symmetry.space_group_name_H-M   'P 1 21 1'
#
loop_
_entity.id
_entity.type
_entity.pdbx_description
1 polymer '3C-like proteinase'
2 polymer 'B4Z inhibitor'
3 non-polymer 1,2-ETHANEDIOL
4 non-polymer GLYCEROL
5 water water
#
loop_
_entity_poly.entity_id
_entity_poly.type
_entity_poly.pdbx_seq_one_letter_code
_entity_poly.pdbx_strand_id
1 'polypeptide(L)'
;SGFRKMAFPSGKVEGCMVQVTCGTTTLNGLWLDDTVYCPRHVICTAEDMLNPNYEDLLIRKSNHSFLVQAGNVQLRVIGH
SMQNCLLRLKVDTSNPKTPKYKFVRIQPGQTFSVLACYNGSPSGVYQCAMRPNHTIKGSFLNGSCGSVGFNIDYDCVSFC
YMHHMELPTGVHAGTDLEGKFYGPFVDRQTAQAAGTDTTITLNVLAWLYAAVINGDRWFLNRFTTTLNDFNLVAMKYNYE
PLTQDHVDILGPLSAQTGIAVLDMCAALKELLQNGMNGRTILGSTILEDEFTPFDVVRQCSGVTFQ
;
A,B
2 'polypeptide(L)' (BOC)AVL(0JU) E,F
#
# COMPACT_ATOMS: atom_id res chain seq x y z
N SER A 1 9.51 -8.95 -11.60
CA SER A 1 9.02 -7.84 -12.44
C SER A 1 7.85 -7.09 -11.82
N GLY A 2 7.54 -5.93 -12.38
CA GLY A 2 6.45 -5.11 -11.91
C GLY A 2 6.95 -4.11 -10.89
N PHE A 3 6.23 -3.01 -10.74
CA PHE A 3 6.61 -1.99 -9.79
C PHE A 3 5.40 -1.37 -9.13
N ARG A 4 5.34 -1.51 -7.81
CA ARG A 4 4.19 -1.10 -7.01
C ARG A 4 4.57 -0.14 -5.89
N LYS A 5 3.68 0.80 -5.59
CA LYS A 5 3.83 1.65 -4.44
C LYS A 5 3.58 0.79 -3.19
N MET A 6 4.68 0.27 -2.66
CA MET A 6 4.65 -0.76 -1.65
C MET A 6 4.89 -0.20 -0.24
N ALA A 7 4.08 -0.64 0.71
CA ALA A 7 4.32 -0.26 2.11
C ALA A 7 5.02 -1.42 2.86
N PHE A 8 5.63 -1.12 4.00
CA PHE A 8 6.20 -2.17 4.85
C PHE A 8 5.06 -2.98 5.50
N PRO A 9 5.31 -4.27 5.76
CA PRO A 9 4.25 -5.00 6.46
C PRO A 9 3.99 -4.34 7.83
N SER A 10 2.71 -4.14 8.17
CA SER A 10 2.34 -3.28 9.31
C SER A 10 2.11 -3.98 10.64
N GLY A 11 2.17 -5.33 10.67
CA GLY A 11 1.94 -6.11 11.86
C GLY A 11 2.67 -5.66 13.12
N LYS A 12 3.98 -5.46 13.02
CA LYS A 12 4.76 -5.07 14.19
C LYS A 12 4.25 -3.76 14.82
N VAL A 13 3.63 -2.91 14.00
CA VAL A 13 3.10 -1.61 14.46
C VAL A 13 1.66 -1.75 14.97
N GLU A 14 0.89 -2.65 14.33
CA GLU A 14 -0.48 -2.92 14.73
C GLU A 14 -0.57 -3.32 16.19
N GLY A 15 0.40 -4.11 16.63
CA GLY A 15 0.42 -4.60 18.00
C GLY A 15 0.79 -3.53 19.01
N CYS A 16 0.99 -2.30 18.55
CA CYS A 16 1.37 -1.20 19.44
C CYS A 16 0.27 -0.14 19.53
N MET A 17 -0.75 -0.29 18.70
CA MET A 17 -1.80 0.71 18.63
C MET A 17 -2.79 0.60 19.78
N VAL A 18 -3.10 1.73 20.39
CA VAL A 18 -4.13 1.78 21.43
C VAL A 18 -4.97 3.04 21.27
N GLN A 19 -5.97 3.15 22.12
CA GLN A 19 -6.94 4.24 22.08
C GLN A 19 -6.71 5.12 23.31
N VAL A 20 -6.65 6.43 23.12
CA VAL A 20 -6.52 7.36 24.24
C VAL A 20 -7.69 8.34 24.22
N THR A 21 -8.44 8.39 25.32
CA THR A 21 -9.60 9.28 25.42
C THR A 21 -9.43 10.29 26.58
N CYS A 22 -9.77 11.54 26.29
CA CYS A 22 -9.89 12.59 27.32
C CYS A 22 -11.23 13.23 27.14
N GLY A 23 -12.05 13.15 28.18
CA GLY A 23 -13.42 13.59 28.10
C GLY A 23 -14.05 13.06 26.83
N THR A 24 -14.37 13.96 25.92
CA THR A 24 -15.10 13.60 24.72
C THR A 24 -14.16 13.44 23.50
N THR A 25 -12.86 13.52 23.73
CA THR A 25 -11.87 13.44 22.65
C THR A 25 -11.16 12.09 22.64
N THR A 26 -11.23 11.37 21.52
CA THR A 26 -10.49 10.13 21.36
C THR A 26 -9.54 10.18 20.17
N LEU A 27 -8.32 9.71 20.39
CA LEU A 27 -7.29 9.61 19.35
CA LEU A 27 -7.38 9.54 19.29
C LEU A 27 -6.57 8.27 19.49
N ASN A 28 -5.65 8.00 18.57
CA ASN A 28 -4.81 6.81 18.68
C ASN A 28 -3.57 7.12 19.49
N GLY A 29 -3.04 6.10 20.17
CA GLY A 29 -1.76 6.22 20.82
C GLY A 29 -0.85 5.07 20.42
N LEU A 30 0.44 5.26 20.63
CA LEU A 30 1.43 4.23 20.37
C LEU A 30 1.98 3.67 21.69
N TRP A 31 1.82 2.36 21.90
CA TRP A 31 2.15 1.72 23.17
C TRP A 31 3.40 0.86 23.07
N LEU A 32 4.51 1.37 23.58
CA LEU A 32 5.78 0.64 23.58
C LEU A 32 6.28 0.44 25.01
N ASP A 33 6.55 -0.82 25.38
CA ASP A 33 6.92 -1.15 26.76
C ASP A 33 5.82 -0.64 27.69
N ASP A 34 6.14 0.32 28.56
CA ASP A 34 5.15 0.81 29.52
C ASP A 34 4.72 2.25 29.28
N THR A 35 5.07 2.79 28.11
CA THR A 35 4.70 4.14 27.73
C THR A 35 3.72 4.14 26.56
N VAL A 36 2.77 5.07 26.60
CA VAL A 36 1.89 5.30 25.47
C VAL A 36 2.12 6.71 25.00
N TYR A 37 2.52 6.85 23.73
CA TYR A 37 2.74 8.16 23.12
C TYR A 37 1.51 8.53 22.31
N CYS A 38 1.06 9.77 22.45
CA CYS A 38 -0.05 10.27 21.61
C CYS A 38 0.06 11.79 21.45
N PRO A 39 -0.69 12.37 20.51
CA PRO A 39 -0.59 13.82 20.34
C PRO A 39 -1.17 14.54 21.57
N ARG A 40 -0.50 15.61 22.01
CA ARG A 40 -0.93 16.32 23.20
C ARG A 40 -2.31 16.94 23.04
N HIS A 41 -2.70 17.26 21.81
CA HIS A 41 -3.99 17.92 21.61
C HIS A 41 -5.19 17.02 21.97
N VAL A 42 -4.90 15.83 22.48
CA VAL A 42 -5.94 14.95 23.00
C VAL A 42 -6.61 15.60 24.24
N ILE A 43 -5.91 16.53 24.89
CA ILE A 43 -6.43 17.18 26.09
C ILE A 43 -7.17 18.50 25.81
N CYS A 44 -7.45 18.79 24.55
CA CYS A 44 -8.14 20.04 24.18
C CYS A 44 -9.63 19.85 23.91
N THR A 45 -10.42 20.87 24.23
CA THR A 45 -11.83 20.87 23.86
C THR A 45 -12.05 21.77 22.65
N ALA A 46 -13.31 21.89 22.24
CA ALA A 46 -13.67 22.77 21.11
C ALA A 46 -13.16 24.19 21.37
N GLU A 47 -13.47 24.72 22.56
CA GLU A 47 -13.08 26.07 22.95
C GLU A 47 -11.56 26.22 23.02
N ASP A 48 -10.87 25.16 23.44
CA ASP A 48 -9.45 25.23 23.74
C ASP A 48 -8.55 25.19 22.51
N MET A 49 -9.16 25.10 21.33
CA MET A 49 -8.38 24.74 20.13
C MET A 49 -7.88 25.89 19.26
N LEU A 50 -8.52 27.06 19.34
CA LEU A 50 -8.01 28.20 18.58
C LEU A 50 -6.65 28.60 19.10
N ASN A 51 -6.50 28.61 20.42
CA ASN A 51 -5.26 29.04 21.03
C ASN A 51 -5.02 28.38 22.39
N PRO A 52 -4.71 27.08 22.38
CA PRO A 52 -4.60 26.35 23.63
C PRO A 52 -3.30 26.68 24.32
N ASN A 53 -3.29 26.64 25.64
CA ASN A 53 -2.03 26.58 26.34
C ASN A 53 -1.95 25.21 26.95
N TYR A 54 -1.09 24.36 26.40
CA TYR A 54 -1.03 22.97 26.81
C TYR A 54 -0.47 22.81 28.23
N GLU A 55 0.34 23.75 28.67
CA GLU A 55 0.82 23.71 30.05
C GLU A 55 -0.34 23.92 31.02
N ASP A 56 -1.20 24.90 30.73
CA ASP A 56 -2.40 25.14 31.52
C ASP A 56 -3.28 23.90 31.48
N LEU A 57 -3.58 23.43 30.28
CA LEU A 57 -4.53 22.33 30.13
C LEU A 57 -3.99 21.08 30.80
N LEU A 58 -2.68 20.87 30.72
CA LEU A 58 -2.12 19.62 31.22
C LEU A 58 -2.10 19.58 32.75
N ILE A 59 -1.84 20.73 33.35
CA ILE A 59 -1.74 20.78 34.80
C ILE A 59 -3.11 20.50 35.43
N ARG A 60 -4.17 20.71 34.65
CA ARG A 60 -5.53 20.51 35.15
C ARG A 60 -6.00 19.07 34.99
N LYS A 61 -5.07 18.19 34.66
CA LYS A 61 -5.41 16.79 34.44
C LYS A 61 -4.68 15.94 35.45
N SER A 62 -5.27 14.81 35.81
CA SER A 62 -4.59 13.79 36.57
C SER A 62 -4.45 12.52 35.75
N ASN A 63 -3.68 11.56 36.27
CA ASN A 63 -3.61 10.25 35.65
C ASN A 63 -4.98 9.68 35.36
N HIS A 64 -5.90 9.86 36.30
CA HIS A 64 -7.24 9.28 36.22
C HIS A 64 -8.08 9.82 35.07
N SER A 65 -7.75 10.99 34.55
CA SER A 65 -8.56 11.59 33.49
C SER A 65 -8.26 11.02 32.09
N PHE A 66 -7.21 10.21 31.97
CA PHE A 66 -6.88 9.61 30.69
C PHE A 66 -7.41 8.18 30.59
N LEU A 67 -8.35 7.95 29.68
CA LEU A 67 -8.81 6.58 29.41
C LEU A 67 -8.01 5.93 28.27
N VAL A 68 -7.11 5.02 28.64
CA VAL A 68 -6.34 4.27 27.66
C VAL A 68 -6.86 2.85 27.54
N GLN A 69 -7.15 2.44 26.30
CA GLN A 69 -7.66 1.09 26.05
C GLN A 69 -6.87 0.38 24.95
N ALA A 70 -6.38 -0.81 25.28
CA ALA A 70 -5.86 -1.73 24.27
C ALA A 70 -6.98 -2.70 23.90
N GLY A 71 -7.54 -2.52 22.72
CA GLY A 71 -8.75 -3.24 22.40
C GLY A 71 -9.81 -2.81 23.38
N ASN A 72 -10.58 -3.76 23.91
CA ASN A 72 -11.63 -3.42 24.85
C ASN A 72 -11.14 -3.20 26.27
N VAL A 73 -9.85 -3.42 26.49
CA VAL A 73 -9.29 -3.47 27.83
C VAL A 73 -8.59 -2.18 28.26
N GLN A 74 -8.99 -1.66 29.42
CA GLN A 74 -8.44 -0.41 29.93
C GLN A 74 -7.07 -0.57 30.60
N LEU A 75 -6.11 0.28 30.23
CA LEU A 75 -4.80 0.27 30.87
C LEU A 75 -4.68 1.39 31.90
N ARG A 76 -4.30 1.03 33.12
CA ARG A 76 -4.16 2.02 34.19
C ARG A 76 -2.99 2.98 33.94
N VAL A 77 -3.31 4.25 33.76
CA VAL A 77 -2.29 5.29 33.65
C VAL A 77 -1.76 5.65 35.03
N ILE A 78 -0.46 5.45 35.22
CA ILE A 78 0.19 5.77 36.50
C ILE A 78 1.17 6.93 36.41
N GLY A 79 1.25 7.57 35.24
CA GLY A 79 2.15 8.70 35.05
C GLY A 79 1.82 9.48 33.80
N HIS A 80 2.11 10.78 33.80
CA HIS A 80 1.95 11.56 32.58
C HIS A 80 2.93 12.72 32.52
N SER A 81 3.34 13.05 31.31
CA SER A 81 4.20 14.19 31.07
C SER A 81 4.11 14.61 29.61
N MET A 82 4.62 15.80 29.32
CA MET A 82 4.58 16.33 27.99
C MET A 82 6.00 16.41 27.44
N GLN A 83 6.20 15.92 26.22
CA GLN A 83 7.45 16.05 25.53
C GLN A 83 7.18 16.73 24.20
N ASN A 84 7.38 18.05 24.16
CA ASN A 84 7.00 18.84 23.00
C ASN A 84 5.51 18.69 22.68
N CYS A 85 5.16 18.27 21.46
CA CYS A 85 3.75 18.21 21.08
C CYS A 85 3.14 16.84 21.31
N LEU A 86 3.90 15.99 22.00
CA LEU A 86 3.40 14.69 22.42
C LEU A 86 3.05 14.61 23.92
N LEU A 87 2.08 13.79 24.24
CA LEU A 87 1.81 13.38 25.60
C LEU A 87 2.48 12.02 25.77
N ARG A 88 3.08 11.80 26.93
CA ARG A 88 3.59 10.48 27.30
C ARG A 88 2.82 10.00 28.51
N LEU A 89 2.22 8.82 28.41
CA LEU A 89 1.50 8.26 29.54
C LEU A 89 2.16 6.97 29.98
N LYS A 90 2.52 6.91 31.26
CA LYS A 90 3.04 5.66 31.79
C LYS A 90 1.83 4.82 32.12
N VAL A 91 1.90 3.53 31.83
CA VAL A 91 0.84 2.59 32.21
C VAL A 91 1.45 1.48 33.05
N ASP A 92 0.62 0.79 33.82
CA ASP A 92 1.14 -0.17 34.81
C ASP A 92 1.36 -1.57 34.25
N THR A 93 1.41 -1.69 32.92
CA THR A 93 1.73 -2.98 32.32
C THR A 93 2.47 -2.78 30.98
N SER A 94 3.27 -3.77 30.61
CA SER A 94 4.11 -3.66 29.42
C SER A 94 3.49 -4.33 28.20
N ASN A 95 3.71 -3.74 27.03
CA ASN A 95 3.21 -4.33 25.79
C ASN A 95 4.14 -5.47 25.34
N PRO A 96 3.69 -6.72 25.53
CA PRO A 96 4.50 -7.86 25.11
C PRO A 96 4.69 -7.88 23.60
N LYS A 97 3.84 -7.15 22.87
CA LYS A 97 3.95 -7.09 21.43
C LYS A 97 4.93 -6.00 20.95
N THR A 98 5.59 -5.32 21.89
CA THR A 98 6.57 -4.29 21.54
C THR A 98 7.72 -4.81 20.68
N PRO A 99 7.88 -4.26 19.47
CA PRO A 99 9.00 -4.69 18.62
C PRO A 99 10.31 -4.01 18.99
N LYS A 100 11.42 -4.55 18.46
CA LYS A 100 12.67 -3.81 18.43
C LYS A 100 12.34 -2.53 17.69
N TYR A 101 12.68 -1.38 18.25
CA TYR A 101 12.30 -0.11 17.60
C TYR A 101 13.28 1.00 17.83
N LYS A 102 13.17 2.05 17.02
CA LYS A 102 13.82 3.31 17.39
C LYS A 102 13.05 4.48 16.84
N PHE A 103 13.32 5.66 17.39
CA PHE A 103 12.70 6.88 16.91
C PHE A 103 13.70 7.59 16.02
N VAL A 104 13.29 7.97 14.83
CA VAL A 104 14.18 8.70 13.92
C VAL A 104 13.45 9.88 13.31
N ARG A 105 14.18 10.96 13.11
CA ARG A 105 13.67 12.09 12.37
C ARG A 105 14.13 11.97 10.92
N ILE A 106 13.19 11.86 9.98
CA ILE A 106 13.55 11.73 8.58
C ILE A 106 13.68 13.08 7.89
N GLN A 107 14.28 13.08 6.71
CA GLN A 107 14.44 14.30 5.93
C GLN A 107 13.36 14.36 4.87
N PRO A 108 13.01 15.57 4.42
CA PRO A 108 12.08 15.68 3.28
C PRO A 108 12.61 14.87 2.10
N GLY A 109 11.71 14.23 1.37
CA GLY A 109 12.09 13.41 0.22
C GLY A 109 12.14 11.94 0.54
N GLN A 110 12.35 11.61 1.80
CA GLN A 110 12.32 10.22 2.22
C GLN A 110 10.90 9.69 2.31
N THR A 111 10.78 8.36 2.28
CA THR A 111 9.48 7.71 2.29
C THR A 111 9.29 6.92 3.57
N PHE A 112 8.04 6.56 3.84
CA PHE A 112 7.73 5.74 5.00
C PHE A 112 6.31 5.23 4.85
N SER A 113 5.97 4.21 5.61
CA SER A 113 4.63 3.65 5.60
C SER A 113 3.80 4.23 6.75
N VAL A 114 2.52 4.45 6.47
CA VAL A 114 1.59 4.97 7.45
C VAL A 114 0.56 3.90 7.77
N LEU A 115 0.38 3.62 9.06
CA LEU A 115 -0.72 2.76 9.45
C LEU A 115 -1.86 3.64 9.92
N ALA A 116 -2.83 3.85 9.03
CA ALA A 116 -3.99 4.65 9.38
C ALA A 116 -4.85 3.89 10.38
N CYS A 117 -5.14 4.53 11.51
CA CYS A 117 -5.96 3.94 12.57
C CYS A 117 -7.07 4.84 13.03
N TYR A 118 -8.13 4.22 13.55
CA TYR A 118 -9.23 4.93 14.17
C TYR A 118 -9.62 4.19 15.45
N ASN A 119 -9.80 4.93 16.53
CA ASN A 119 -10.13 4.32 17.81
C ASN A 119 -9.16 3.22 18.22
N GLY A 120 -7.92 3.34 17.80
CA GLY A 120 -6.89 2.39 18.20
C GLY A 120 -6.87 1.17 17.30
N SER A 121 -7.76 1.15 16.30
CA SER A 121 -7.82 0.03 15.37
C SER A 121 -7.34 0.40 13.97
N PRO A 122 -6.43 -0.42 13.42
CA PRO A 122 -5.89 -0.29 12.07
C PRO A 122 -6.98 -0.33 11.01
N SER A 123 -6.89 0.58 10.06
CA SER A 123 -7.84 0.70 8.97
C SER A 123 -7.18 0.30 7.64
N GLY A 124 -6.01 0.86 7.39
CA GLY A 124 -5.27 0.58 6.17
C GLY A 124 -3.80 0.96 6.32
N VAL A 125 -2.99 0.59 5.35
CA VAL A 125 -1.59 0.97 5.35
C VAL A 125 -1.22 1.45 3.96
N TYR A 126 -0.51 2.58 3.90
CA TYR A 126 -0.08 3.07 2.61
C TYR A 126 1.28 3.70 2.72
N GLN A 127 1.98 3.75 1.58
CA GLN A 127 3.32 4.27 1.54
C GLN A 127 3.24 5.72 1.09
N CYS A 128 4.07 6.58 1.65
CA CYS A 128 4.15 7.92 1.11
C CYS A 128 5.50 8.56 1.32
N ALA A 129 5.63 9.78 0.82
CA ALA A 129 6.84 10.56 0.99
C ALA A 129 6.54 11.83 1.77
N MET A 130 7.49 12.19 2.62
CA MET A 130 7.59 13.50 3.21
C MET A 130 7.91 14.53 2.12
N ARG A 131 6.91 15.32 1.72
CA ARG A 131 7.12 16.41 0.78
C ARG A 131 8.23 17.36 1.22
N PRO A 132 8.88 18.05 0.25
CA PRO A 132 9.89 19.07 0.54
C PRO A 132 9.35 20.19 1.43
N ASN A 133 8.04 20.45 1.39
CA ASN A 133 7.45 21.44 2.29
C ASN A 133 7.00 20.87 3.64
N HIS A 134 7.42 19.64 3.93
CA HIS A 134 7.18 18.99 5.24
C HIS A 134 5.75 18.45 5.44
N THR A 135 4.90 18.59 4.43
CA THR A 135 3.58 18.00 4.54
C THR A 135 3.58 16.59 4.00
N ILE A 136 2.51 15.85 4.30
CA ILE A 136 2.29 14.56 3.67
C ILE A 136 0.96 14.60 2.92
N LYS A 137 0.92 13.99 1.75
CA LYS A 137 -0.32 13.82 1.03
C LYS A 137 -0.96 12.51 1.49
N GLY A 138 -1.63 12.58 2.64
CA GLY A 138 -2.16 11.39 3.27
C GLY A 138 -3.63 11.17 2.99
N SER A 139 -4.16 10.13 3.61
CA SER A 139 -5.59 9.86 3.63
C SER A 139 -6.00 9.69 5.09
N PHE A 140 -6.60 10.72 5.65
CA PHE A 140 -6.88 10.78 7.08
C PHE A 140 -8.24 11.37 7.37
N LEU A 141 -9.09 10.64 8.08
CA LEU A 141 -10.36 11.20 8.53
C LEU A 141 -10.28 11.68 9.98
N ASN A 142 -11.39 12.19 10.49
CA ASN A 142 -11.53 12.52 11.90
C ASN A 142 -11.13 11.33 12.77
N GLY A 143 -10.37 11.58 13.84
CA GLY A 143 -9.94 10.51 14.73
C GLY A 143 -8.68 9.74 14.31
N SER A 144 -8.08 10.11 13.17
CA SER A 144 -6.88 9.41 12.73
C SER A 144 -5.62 9.86 13.46
N CYS A 145 -5.69 10.99 14.17
CA CYS A 145 -4.50 11.51 14.91
C CYS A 145 -3.90 10.48 15.83
N GLY A 146 -2.58 10.49 15.92
CA GLY A 146 -1.89 9.45 16.65
C GLY A 146 -1.46 8.29 15.76
N SER A 147 -2.02 8.21 14.56
CA SER A 147 -1.53 7.23 13.59
C SER A 147 -0.05 7.51 13.34
N VAL A 148 0.73 6.46 13.11
CA VAL A 148 2.17 6.62 12.94
C VAL A 148 2.71 6.22 11.56
N GLY A 149 3.82 6.86 11.16
CA GLY A 149 4.58 6.51 9.98
C GLY A 149 5.87 5.83 10.42
N PHE A 150 6.34 4.87 9.64
CA PHE A 150 7.47 4.05 10.04
C PHE A 150 8.17 3.39 8.87
N ASN A 151 9.41 3.00 9.10
CA ASN A 151 10.14 2.10 8.21
C ASN A 151 10.60 0.88 8.98
N ILE A 152 10.87 -0.21 8.27
CA ILE A 152 11.38 -1.40 8.94
C ILE A 152 12.69 -1.85 8.30
N ASP A 153 13.68 -2.15 9.13
CA ASP A 153 14.90 -2.77 8.65
C ASP A 153 15.26 -3.97 9.52
N TYR A 154 15.48 -5.11 8.88
CA TYR A 154 15.56 -6.40 9.56
C TYR A 154 14.29 -6.55 10.37
N ASP A 155 14.44 -6.52 11.68
CA ASP A 155 13.31 -6.71 12.58
C ASP A 155 13.10 -5.47 13.46
N CYS A 156 13.68 -4.35 13.04
CA CYS A 156 13.65 -3.11 13.83
C CYS A 156 12.74 -2.07 13.20
N VAL A 157 11.76 -1.60 13.96
CA VAL A 157 10.86 -0.57 13.46
C VAL A 157 11.44 0.82 13.75
N SER A 158 11.61 1.63 12.71
CA SER A 158 12.00 3.03 12.90
C SER A 158 10.76 3.93 12.80
N PHE A 159 10.24 4.37 13.94
CA PHE A 159 9.11 5.29 13.92
C PHE A 159 9.63 6.66 13.56
N CYS A 160 9.00 7.31 12.58
CA CYS A 160 9.46 8.61 12.12
C CYS A 160 8.35 9.65 12.11
N TYR A 161 7.11 9.22 12.23
CA TYR A 161 6.01 10.16 12.11
C TYR A 161 4.84 9.80 12.97
N MET A 162 4.24 10.83 13.56
CA MET A 162 2.94 10.70 14.21
C MET A 162 2.04 11.81 13.70
N HIS A 163 0.83 11.44 13.27
CA HIS A 163 -0.08 12.39 12.67
C HIS A 163 -0.78 13.34 13.66
N HIS A 164 -0.81 14.64 13.35
CA HIS A 164 -1.44 15.62 14.25
C HIS A 164 -2.54 16.45 13.60
N MET A 165 -2.34 16.84 12.35
CA MET A 165 -3.17 17.90 11.77
C MET A 165 -3.43 17.77 10.29
N GLU A 166 -4.55 18.35 9.86
CA GLU A 166 -4.81 18.55 8.45
C GLU A 166 -4.85 20.03 8.16
N LEU A 167 -4.08 20.44 7.15
CA LEU A 167 -4.01 21.84 6.71
C LEU A 167 -5.17 22.13 5.75
N PRO A 168 -5.50 23.42 5.57
CA PRO A 168 -6.65 23.84 4.76
C PRO A 168 -6.60 23.38 3.29
N THR A 169 -5.40 23.10 2.77
CA THR A 169 -5.32 22.57 1.41
C THR A 169 -5.64 21.06 1.40
N GLY A 170 -5.71 20.47 2.59
CA GLY A 170 -6.07 19.08 2.72
C GLY A 170 -4.91 18.11 2.79
N VAL A 171 -3.70 18.65 2.89
CA VAL A 171 -2.51 17.84 3.13
C VAL A 171 -2.26 17.77 4.63
N HIS A 172 -1.29 16.96 5.04
CA HIS A 172 -1.17 16.56 6.44
C HIS A 172 0.13 16.95 7.15
N ALA A 173 0.02 17.19 8.46
CA ALA A 173 1.18 17.58 9.27
C ALA A 173 1.28 16.82 10.58
N GLY A 174 2.52 16.56 11.00
CA GLY A 174 2.75 15.84 12.22
C GLY A 174 4.15 16.03 12.72
N THR A 175 4.53 15.20 13.69
CA THR A 175 5.83 15.30 14.34
C THR A 175 6.60 14.01 14.23
N ASP A 176 7.86 14.06 14.65
CA ASP A 176 8.58 12.83 14.93
C ASP A 176 8.14 12.31 16.31
N LEU A 177 8.80 11.28 16.80
CA LEU A 177 8.35 10.62 18.02
C LEU A 177 8.97 11.26 19.26
N GLU A 178 9.56 12.44 19.08
CA GLU A 178 9.91 13.33 20.19
C GLU A 178 8.94 14.51 20.23
N GLY A 179 7.95 14.50 19.36
CA GLY A 179 6.94 15.56 19.37
C GLY A 179 7.32 16.84 18.66
N LYS A 180 8.44 16.83 17.94
CA LYS A 180 8.83 18.00 17.16
C LYS A 180 8.20 17.95 15.77
N PHE A 181 7.47 19.00 15.41
CA PHE A 181 6.83 19.09 14.12
C PHE A 181 7.83 19.02 12.96
N TYR A 182 7.40 18.44 11.86
CA TYR A 182 8.10 18.60 10.61
C TYR A 182 7.52 19.87 10.02
N GLY A 183 8.36 20.82 9.64
CA GLY A 183 7.87 22.09 9.09
C GLY A 183 7.51 23.06 10.21
N PRO A 184 7.15 24.30 9.86
CA PRO A 184 6.87 25.35 10.85
C PRO A 184 5.39 25.34 11.23
N PHE A 185 4.83 24.17 11.49
CA PHE A 185 3.44 24.10 11.87
C PHE A 185 3.33 23.97 13.41
N VAL A 186 2.20 24.42 13.94
CA VAL A 186 1.91 24.30 15.37
C VAL A 186 0.58 23.60 15.59
N ASP A 187 0.41 22.94 16.73
CA ASP A 187 -0.83 22.23 16.99
C ASP A 187 -1.91 23.14 17.56
N ARG A 188 -2.43 24.00 16.69
CA ARG A 188 -3.57 24.83 17.01
C ARG A 188 -4.34 25.10 15.74
N GLN A 189 -5.64 25.37 15.88
CA GLN A 189 -6.50 25.50 14.71
C GLN A 189 -6.57 26.92 14.17
N THR A 190 -5.40 27.46 13.82
CA THR A 190 -5.32 28.72 13.09
C THR A 190 -4.98 28.42 11.63
N ALA A 191 -5.32 29.34 10.75
CA ALA A 191 -4.93 29.20 9.36
C ALA A 191 -3.43 29.07 9.32
N GLN A 192 -2.96 27.95 8.77
CA GLN A 192 -1.55 27.71 8.54
C GLN A 192 -1.45 27.24 7.10
N ALA A 193 -0.41 27.68 6.39
CA ALA A 193 -0.26 27.32 5.00
C ALA A 193 1.07 26.63 4.75
N ALA A 194 1.05 25.63 3.89
CA ALA A 194 2.25 24.92 3.51
C ALA A 194 3.05 25.76 2.51
N GLY A 195 4.37 25.67 2.60
CA GLY A 195 5.23 26.26 1.60
C GLY A 195 4.90 25.64 0.25
N THR A 196 5.23 26.35 -0.81
CA THR A 196 4.98 25.82 -2.13
C THR A 196 5.75 24.50 -2.23
N ASP A 197 5.09 23.47 -2.73
CA ASP A 197 5.76 22.20 -2.83
C ASP A 197 6.65 22.17 -4.08
N THR A 198 7.41 21.10 -4.21
CA THR A 198 8.33 20.94 -5.32
C THR A 198 8.52 19.47 -5.57
N THR A 199 9.00 19.12 -6.77
CA THR A 199 9.14 17.74 -7.13
C THR A 199 10.47 17.22 -6.63
N ILE A 200 10.44 16.03 -6.04
CA ILE A 200 11.64 15.40 -5.52
C ILE A 200 12.46 14.75 -6.63
N THR A 201 13.37 15.53 -7.20
CA THR A 201 14.11 15.15 -8.39
C THR A 201 14.81 13.80 -8.23
N LEU A 202 15.53 13.63 -7.12
CA LEU A 202 16.24 12.37 -6.87
C LEU A 202 15.35 11.13 -7.01
N ASN A 203 14.12 11.21 -6.51
CA ASN A 203 13.21 10.09 -6.55
C ASN A 203 12.67 9.83 -7.96
N VAL A 204 12.43 10.91 -8.70
CA VAL A 204 12.01 10.82 -10.08
C VAL A 204 13.05 10.08 -10.92
N LEU A 205 14.32 10.40 -10.70
CA LEU A 205 15.38 9.66 -11.40
C LEU A 205 15.40 8.20 -11.00
N ALA A 206 15.19 7.91 -9.71
CA ALA A 206 15.15 6.52 -9.25
C ALA A 206 14.02 5.76 -9.95
N TRP A 207 12.90 6.43 -10.13
CA TRP A 207 11.71 5.82 -10.67
C TRP A 207 11.87 5.58 -12.17
N LEU A 208 12.63 6.45 -12.83
CA LEU A 208 13.00 6.26 -14.24
C LEU A 208 13.97 5.09 -14.37
N TYR A 209 14.84 4.89 -13.39
CA TYR A 209 15.66 3.67 -13.36
C TYR A 209 14.79 2.42 -13.17
N ALA A 210 13.77 2.53 -12.33
CA ALA A 210 12.83 1.43 -12.13
C ALA A 210 12.11 1.09 -13.44
N ALA A 211 11.74 2.13 -14.19
CA ALA A 211 11.08 1.97 -15.46
C ALA A 211 11.99 1.19 -16.39
N VAL A 212 13.24 1.66 -16.51
CA VAL A 212 14.20 1.03 -17.40
C VAL A 212 14.39 -0.44 -17.03
N ILE A 213 14.46 -0.71 -15.73
CA ILE A 213 14.65 -2.07 -15.24
C ILE A 213 13.46 -2.98 -15.57
N ASN A 214 12.30 -2.37 -15.78
CA ASN A 214 11.11 -3.13 -16.14
C ASN A 214 10.71 -2.97 -17.61
N GLY A 215 11.66 -2.59 -18.46
CA GLY A 215 11.46 -2.56 -19.90
C GLY A 215 10.90 -1.28 -20.50
N ASP A 216 10.53 -0.32 -19.65
CA ASP A 216 10.02 0.94 -20.15
C ASP A 216 11.21 1.85 -20.46
N ARG A 217 11.38 2.16 -21.74
CA ARG A 217 12.68 2.64 -22.21
C ARG A 217 12.61 3.76 -23.22
N TRP A 218 11.40 4.13 -23.64
CA TRP A 218 11.25 5.02 -24.79
C TRP A 218 11.83 6.39 -24.53
N PHE A 219 11.84 6.81 -23.26
CA PHE A 219 12.26 8.16 -22.90
C PHE A 219 13.78 8.37 -22.95
N LEU A 220 14.54 7.28 -22.96
CA LEU A 220 16.00 7.40 -23.05
C LEU A 220 16.43 8.03 -24.38
N ASN A 221 17.59 8.65 -24.37
CA ASN A 221 18.12 9.31 -25.56
C ASN A 221 19.63 9.25 -25.61
N ARG A 222 20.21 9.76 -26.69
CA ARG A 222 21.65 9.61 -26.93
C ARG A 222 22.43 10.67 -26.16
N PHE A 223 21.74 11.72 -25.74
CA PHE A 223 22.40 12.86 -25.13
C PHE A 223 22.90 12.61 -23.70
N THR A 224 23.78 13.50 -23.26
CA THR A 224 24.17 13.58 -21.86
C THR A 224 24.07 15.06 -21.47
N THR A 225 24.26 15.36 -20.20
CA THR A 225 24.17 16.75 -19.78
C THR A 225 25.13 16.96 -18.63
N THR A 226 25.27 18.20 -18.19
CA THR A 226 26.05 18.50 -17.00
C THR A 226 25.08 18.75 -15.87
N LEU A 227 25.57 18.64 -14.64
CA LEU A 227 24.76 18.95 -13.48
C LEU A 227 24.11 20.34 -13.60
N ASN A 228 24.91 21.36 -13.93
CA ASN A 228 24.42 22.74 -13.99
C ASN A 228 23.37 22.95 -15.08
N ASP A 229 23.59 22.38 -16.25
CA ASP A 229 22.61 22.46 -17.31
C ASP A 229 21.30 21.77 -16.89
N PHE A 230 21.41 20.61 -16.25
CA PHE A 230 20.20 19.94 -15.80
C PHE A 230 19.43 20.79 -14.79
N ASN A 231 20.14 21.30 -13.79
CA ASN A 231 19.49 22.12 -12.75
C ASN A 231 18.81 23.36 -13.30
N LEU A 232 19.45 24.03 -14.26
CA LEU A 232 18.84 25.23 -14.86
C LEU A 232 17.47 24.91 -15.46
N VAL A 233 17.32 23.70 -16.01
CA VAL A 233 16.04 23.27 -16.58
C VAL A 233 15.04 22.78 -15.51
N ALA A 234 15.45 21.81 -14.71
CA ALA A 234 14.57 21.26 -13.67
C ALA A 234 13.99 22.37 -12.78
N MET A 235 14.82 23.36 -12.47
CA MET A 235 14.40 24.45 -11.59
C MET A 235 13.32 25.31 -12.24
N LYS A 236 13.31 25.33 -13.57
CA LYS A 236 12.24 26.03 -14.30
C LYS A 236 10.91 25.31 -14.12
N TYR A 237 10.96 24.01 -13.86
CA TYR A 237 9.76 23.21 -13.72
C TYR A 237 9.45 22.88 -12.27
N ASN A 238 10.08 23.62 -11.37
CA ASN A 238 9.82 23.43 -9.96
C ASN A 238 10.29 22.07 -9.50
N TYR A 239 11.43 21.64 -10.02
CA TYR A 239 12.09 20.44 -9.54
C TYR A 239 13.19 20.87 -8.59
N GLU A 240 13.37 20.12 -7.51
CA GLU A 240 14.51 20.32 -6.63
C GLU A 240 15.81 20.23 -7.39
N PRO A 241 16.76 21.11 -7.06
CA PRO A 241 18.09 21.03 -7.67
C PRO A 241 18.74 19.71 -7.30
N LEU A 242 19.52 19.14 -8.22
CA LEU A 242 20.24 17.89 -7.97
C LEU A 242 21.69 18.23 -7.62
N THR A 243 22.22 17.52 -6.63
CA THR A 243 23.60 17.73 -6.20
C THR A 243 24.45 16.50 -6.53
N GLN A 244 25.76 16.68 -6.43
CA GLN A 244 26.68 15.56 -6.61
C GLN A 244 26.34 14.42 -5.68
N ASP A 245 26.06 14.73 -4.41
CA ASP A 245 25.63 13.73 -3.44
C ASP A 245 24.47 12.92 -4.00
N HIS A 246 23.53 13.60 -4.65
CA HIS A 246 22.38 12.90 -5.19
C HIS A 246 22.81 12.04 -6.38
N VAL A 247 23.71 12.56 -7.21
CA VAL A 247 24.26 11.76 -8.29
C VAL A 247 24.91 10.48 -7.76
N ASP A 248 25.73 10.62 -6.73
CA ASP A 248 26.42 9.49 -6.14
C ASP A 248 25.45 8.41 -5.71
N ILE A 249 24.36 8.85 -5.07
CA ILE A 249 23.34 7.94 -4.54
C ILE A 249 22.73 7.08 -5.63
N LEU A 250 22.64 7.65 -6.84
CA LEU A 250 22.06 6.93 -7.97
C LEU A 250 23.06 5.97 -8.61
N GLY A 251 24.26 5.92 -8.07
CA GLY A 251 25.32 5.08 -8.62
C GLY A 251 24.93 3.63 -8.84
N PRO A 252 24.54 2.92 -7.78
CA PRO A 252 24.18 1.50 -7.91
C PRO A 252 23.16 1.24 -9.03
N LEU A 253 22.14 2.07 -9.14
CA LEU A 253 21.12 1.86 -10.16
C LEU A 253 21.69 2.14 -11.55
N SER A 254 22.64 3.06 -11.59
CA SER A 254 23.36 3.41 -12.81
C SER A 254 24.12 2.20 -13.31
N ALA A 255 24.83 1.57 -12.39
CA ALA A 255 25.64 0.40 -12.68
C ALA A 255 24.77 -0.75 -13.15
N GLN A 256 23.61 -0.90 -12.51
CA GLN A 256 22.74 -2.02 -12.79
C GLN A 256 22.12 -1.92 -14.18
N THR A 257 21.82 -0.70 -14.62
CA THR A 257 21.15 -0.50 -15.90
C THR A 257 22.11 -0.14 -17.03
N GLY A 258 23.36 0.14 -16.69
CA GLY A 258 24.31 0.61 -17.68
C GLY A 258 23.97 1.98 -18.24
N ILE A 259 23.13 2.74 -17.54
CA ILE A 259 22.85 4.11 -17.94
C ILE A 259 23.48 5.11 -16.97
N ALA A 260 24.33 5.99 -17.51
CA ALA A 260 25.00 6.99 -16.71
C ALA A 260 23.98 7.95 -16.10
N VAL A 261 24.23 8.36 -14.86
CA VAL A 261 23.29 9.24 -14.15
C VAL A 261 22.99 10.49 -14.97
N LEU A 262 24.02 11.11 -15.53
CA LEU A 262 23.81 12.33 -16.32
C LEU A 262 23.14 12.03 -17.65
N ASP A 263 23.24 10.79 -18.12
CA ASP A 263 22.48 10.41 -19.29
C ASP A 263 21.02 10.32 -18.88
N MET A 264 20.76 9.71 -17.73
CA MET A 264 19.38 9.69 -17.21
C MET A 264 18.88 11.11 -16.97
N CYS A 265 19.75 11.99 -16.50
CA CYS A 265 19.33 13.38 -16.34
C CYS A 265 18.92 14.04 -17.65
N ALA A 266 19.66 13.76 -18.72
CA ALA A 266 19.30 14.34 -20.02
C ALA A 266 17.93 13.83 -20.46
N ALA A 267 17.69 12.54 -20.26
CA ALA A 267 16.38 11.95 -20.53
C ALA A 267 15.29 12.74 -19.81
N LEU A 268 15.46 12.94 -18.49
CA LEU A 268 14.49 13.69 -17.70
C LEU A 268 14.34 15.12 -18.22
N LYS A 269 15.46 15.74 -18.56
CA LYS A 269 15.42 17.10 -19.13
C LYS A 269 14.51 17.20 -20.37
N GLU A 270 14.67 16.27 -21.30
CA GLU A 270 13.80 16.24 -22.47
C GLU A 270 12.34 15.99 -22.11
N LEU A 271 12.10 15.15 -21.11
CA LEU A 271 10.73 14.88 -20.68
C LEU A 271 10.07 16.14 -20.15
N LEU A 272 10.80 16.89 -19.35
CA LEU A 272 10.25 18.13 -18.77
C LEU A 272 9.97 19.14 -19.87
N GLN A 273 10.87 19.24 -20.84
CA GLN A 273 10.71 20.22 -21.90
C GLN A 273 9.66 19.83 -22.96
N ASN A 274 9.53 18.53 -23.25
CA ASN A 274 8.63 18.10 -24.31
C ASN A 274 7.34 17.43 -23.85
N GLY A 275 7.24 17.13 -22.55
CA GLY A 275 6.10 16.41 -22.03
C GLY A 275 6.20 14.96 -22.45
N MET A 276 5.18 14.16 -22.13
CA MET A 276 5.23 12.74 -22.43
C MET A 276 4.44 12.35 -23.69
N ASN A 277 3.53 13.24 -24.10
CA ASN A 277 2.74 13.04 -25.32
C ASN A 277 2.02 11.70 -25.36
N GLY A 278 0.97 11.59 -24.55
CA GLY A 278 0.13 10.41 -24.54
C GLY A 278 0.76 9.23 -23.80
N ARG A 279 2.08 9.17 -23.83
CA ARG A 279 2.79 7.99 -23.36
C ARG A 279 2.76 7.86 -21.83
N THR A 280 3.02 6.66 -21.36
CA THR A 280 3.02 6.36 -19.94
C THR A 280 4.36 5.78 -19.58
N ILE A 281 4.72 5.88 -18.32
CA ILE A 281 5.91 5.21 -17.79
C ILE A 281 5.48 4.41 -16.57
N LEU A 282 5.67 3.10 -16.63
CA LEU A 282 5.23 2.24 -15.56
C LEU A 282 3.77 2.55 -15.22
N GLY A 283 2.98 2.75 -16.28
CA GLY A 283 1.55 2.94 -16.13
C GLY A 283 1.13 4.36 -15.81
N SER A 284 2.09 5.22 -15.52
CA SER A 284 1.74 6.56 -15.12
C SER A 284 1.94 7.53 -16.26
N THR A 285 1.08 8.55 -16.32
CA THR A 285 1.21 9.59 -17.33
C THR A 285 1.86 10.84 -16.75
N ILE A 286 2.31 10.75 -15.50
CA ILE A 286 3.15 11.79 -14.92
C ILE A 286 4.34 11.17 -14.20
N LEU A 287 5.36 11.97 -13.94
CA LEU A 287 6.56 11.49 -13.30
C LEU A 287 6.36 11.34 -11.79
N GLU A 288 6.50 10.10 -11.30
CA GLU A 288 6.33 9.75 -9.89
C GLU A 288 7.55 10.13 -9.04
N ASP A 289 7.31 10.71 -7.88
CA ASP A 289 8.43 11.15 -7.06
C ASP A 289 8.38 10.69 -5.58
N GLU A 290 7.64 9.61 -5.34
CA GLU A 290 7.50 9.06 -4.00
C GLU A 290 8.19 7.72 -3.86
N PHE A 291 9.20 7.49 -4.71
CA PHE A 291 10.11 6.36 -4.53
C PHE A 291 11.55 6.84 -4.40
N THR A 292 12.19 6.51 -3.28
CA THR A 292 13.61 6.83 -3.16
C THR A 292 14.44 5.82 -3.94
N PRO A 293 15.72 6.17 -4.18
CA PRO A 293 16.69 5.23 -4.73
C PRO A 293 16.70 3.90 -3.95
N PHE A 294 16.75 3.96 -2.63
CA PHE A 294 16.78 2.72 -1.86
C PHE A 294 15.51 1.90 -2.05
N ASP A 295 14.36 2.56 -2.13
CA ASP A 295 13.11 1.88 -2.45
C ASP A 295 13.19 1.14 -3.78
N VAL A 296 13.78 1.78 -4.78
CA VAL A 296 13.82 1.19 -6.10
C VAL A 296 14.71 -0.04 -6.07
N VAL A 297 15.89 0.12 -5.48
CA VAL A 297 16.83 -0.99 -5.29
C VAL A 297 16.18 -2.14 -4.54
N ARG A 298 15.41 -1.83 -3.49
CA ARG A 298 14.81 -2.88 -2.68
C ARG A 298 13.78 -3.68 -3.49
N GLN A 299 12.92 -2.99 -4.22
CA GLN A 299 11.83 -3.65 -4.92
C GLN A 299 12.30 -4.33 -6.22
N CYS A 300 13.27 -3.71 -6.90
CA CYS A 300 13.76 -4.23 -8.16
C CYS A 300 15.05 -5.02 -7.95
N SER A 301 15.42 -5.22 -6.69
CA SER A 301 16.72 -5.80 -6.32
C SER A 301 17.75 -5.71 -7.43
N SER B 1 -9.29 14.12 5.17
CA SER B 1 -9.46 14.11 3.73
C SER B 1 -8.29 13.41 3.02
N GLY B 2 -8.23 13.55 1.70
CA GLY B 2 -7.28 12.79 0.89
C GLY B 2 -7.88 11.46 0.46
N PHE B 3 -7.33 10.87 -0.59
CA PHE B 3 -7.80 9.57 -1.07
C PHE B 3 -6.65 8.77 -1.65
N ARG B 4 -6.36 7.65 -1.00
CA ARG B 4 -5.20 6.85 -1.33
C ARG B 4 -5.64 5.43 -1.58
N LYS B 5 -4.92 4.74 -2.46
CA LYS B 5 -5.05 3.31 -2.56
C LYS B 5 -4.37 2.74 -1.32
N MET B 6 -5.10 1.96 -0.55
CA MET B 6 -4.58 1.41 0.70
C MET B 6 -4.60 -0.09 0.68
N ALA B 7 -3.59 -0.71 1.28
CA ALA B 7 -3.64 -2.13 1.56
C ALA B 7 -4.29 -2.36 2.92
N PHE B 8 -4.80 -3.57 3.15
CA PHE B 8 -5.27 -3.91 4.48
C PHE B 8 -4.07 -4.06 5.39
N PRO B 9 -4.25 -3.82 6.70
CA PRO B 9 -3.17 -4.11 7.64
C PRO B 9 -2.85 -5.60 7.53
N SER B 10 -1.57 -5.94 7.45
CA SER B 10 -1.15 -7.28 7.08
C SER B 10 -0.75 -8.17 8.26
N GLY B 11 -0.82 -7.63 9.47
CA GLY B 11 -0.40 -8.38 10.66
C GLY B 11 -0.94 -9.80 10.73
N LYS B 12 -2.25 -9.94 10.63
CA LYS B 12 -2.89 -11.25 10.71
C LYS B 12 -2.34 -12.25 9.67
N VAL B 13 -1.89 -11.74 8.54
CA VAL B 13 -1.36 -12.61 7.51
C VAL B 13 0.12 -12.87 7.76
N GLU B 14 0.86 -11.83 8.15
CA GLU B 14 2.26 -12.00 8.56
C GLU B 14 2.47 -13.17 9.51
N GLY B 15 1.55 -13.32 10.46
CA GLY B 15 1.66 -14.38 11.44
C GLY B 15 1.54 -15.79 10.86
N CYS B 16 1.18 -15.88 9.59
CA CYS B 16 0.96 -17.17 8.94
C CYS B 16 2.03 -17.51 7.93
N MET B 17 2.96 -16.60 7.68
CA MET B 17 3.93 -16.85 6.60
C MET B 17 5.06 -17.71 7.10
N VAL B 18 5.33 -18.79 6.38
CA VAL B 18 6.46 -19.65 6.69
C VAL B 18 7.34 -19.90 5.46
N GLN B 19 8.43 -20.61 5.68
CA GLN B 19 9.37 -20.92 4.61
C GLN B 19 9.27 -22.42 4.32
N VAL B 20 9.12 -22.77 3.05
CA VAL B 20 9.06 -24.16 2.62
C VAL B 20 10.18 -24.45 1.63
N THR B 21 10.99 -25.47 1.94
CA THR B 21 12.16 -25.77 1.14
C THR B 21 12.27 -27.25 0.80
N CYS B 22 12.37 -27.53 -0.50
CA CYS B 22 12.68 -28.86 -1.01
C CYS B 22 14.00 -28.77 -1.76
N GLY B 23 15.04 -29.38 -1.20
CA GLY B 23 16.36 -29.33 -1.81
C GLY B 23 16.88 -27.91 -1.86
N THR B 24 17.03 -27.37 -3.07
CA THR B 24 17.52 -26.02 -3.25
C THR B 24 16.39 -25.06 -3.63
N THR B 25 15.17 -25.58 -3.64
CA THR B 25 14.01 -24.76 -3.96
C THR B 25 13.35 -24.25 -2.67
N THR B 26 13.45 -22.94 -2.45
CA THR B 26 12.84 -22.32 -1.28
C THR B 26 11.72 -21.35 -1.69
N LEU B 27 10.52 -21.58 -1.18
CA LEU B 27 9.45 -20.61 -1.39
C LEU B 27 8.60 -20.45 -0.14
N ASN B 28 7.51 -19.69 -0.24
CA ASN B 28 6.71 -19.35 0.95
C ASN B 28 5.50 -20.24 1.11
N GLY B 29 5.07 -20.39 2.35
CA GLY B 29 3.86 -21.14 2.64
C GLY B 29 2.94 -20.41 3.60
N LEU B 30 1.69 -20.84 3.63
CA LEU B 30 0.66 -20.25 4.47
C LEU B 30 0.26 -21.27 5.54
N TRP B 31 0.61 -20.95 6.79
CA TRP B 31 0.42 -21.84 7.92
C TRP B 31 -0.86 -21.48 8.65
N LEU B 32 -1.88 -22.32 8.52
CA LEU B 32 -3.17 -22.12 9.20
C LEU B 32 -3.48 -23.36 10.00
N ASP B 33 -3.70 -23.18 11.30
CA ASP B 33 -3.78 -24.31 12.20
C ASP B 33 -2.62 -25.26 11.94
N ASP B 34 -2.88 -26.55 11.73
CA ASP B 34 -1.79 -27.50 11.53
C ASP B 34 -1.53 -27.90 10.06
N THR B 35 -1.89 -27.01 9.15
CA THR B 35 -1.63 -27.23 7.72
C THR B 35 -0.80 -26.08 7.12
N VAL B 36 0.17 -26.44 6.30
CA VAL B 36 0.90 -25.44 5.53
C VAL B 36 0.55 -25.58 4.05
N TYR B 37 0.03 -24.51 3.46
CA TYR B 37 -0.26 -24.47 2.03
C TYR B 37 0.84 -23.77 1.27
N CYS B 38 1.22 -24.33 0.13
CA CYS B 38 2.21 -23.70 -0.75
C CYS B 38 2.07 -24.18 -2.21
N PRO B 39 2.78 -23.52 -3.13
CA PRO B 39 2.69 -23.97 -4.53
C PRO B 39 3.32 -25.35 -4.70
N ARG B 40 2.64 -26.23 -5.42
CA ARG B 40 3.14 -27.60 -5.54
C ARG B 40 4.47 -27.65 -6.27
N HIS B 41 4.76 -26.63 -7.07
CA HIS B 41 6.02 -26.61 -7.82
C HIS B 41 7.27 -26.43 -6.94
N VAL B 42 7.08 -26.34 -5.62
CA VAL B 42 8.20 -26.29 -4.69
C VAL B 42 9.01 -27.58 -4.72
N ILE B 43 8.35 -28.68 -5.09
CA ILE B 43 9.00 -29.98 -5.08
C ILE B 43 9.97 -30.12 -6.25
N CYS B 44 9.83 -29.24 -7.24
CA CYS B 44 10.69 -29.27 -8.41
C CYS B 44 12.03 -28.57 -8.15
N THR B 45 13.12 -29.30 -8.35
CA THR B 45 14.45 -28.71 -8.41
C THR B 45 14.90 -28.70 -9.87
N ALA B 46 15.88 -27.88 -10.19
CA ALA B 46 16.37 -27.78 -11.57
C ALA B 46 15.24 -27.64 -12.60
N GLU B 47 15.37 -28.32 -13.73
CA GLU B 47 14.45 -28.11 -14.85
C GLU B 47 13.19 -28.98 -14.83
N ASP B 48 12.92 -29.62 -13.70
CA ASP B 48 11.72 -30.45 -13.59
C ASP B 48 10.50 -29.68 -14.12
N MET B 49 10.62 -28.35 -14.08
CA MET B 49 9.49 -27.46 -14.31
C MET B 49 8.95 -27.42 -15.75
N LEU B 50 9.67 -28.01 -16.69
CA LEU B 50 9.24 -28.01 -18.09
C LEU B 50 7.89 -28.68 -18.31
N ASN B 51 7.78 -29.94 -17.92
CA ASN B 51 6.50 -30.63 -17.94
C ASN B 51 6.39 -31.66 -16.82
N PRO B 52 6.31 -31.17 -15.58
CA PRO B 52 6.28 -32.01 -14.37
C PRO B 52 5.06 -32.90 -14.31
N ASN B 53 5.25 -34.16 -13.93
CA ASN B 53 4.15 -35.03 -13.57
C ASN B 53 3.99 -34.98 -12.07
N TYR B 54 3.48 -33.85 -11.57
CA TYR B 54 3.39 -33.61 -10.13
C TYR B 54 2.90 -34.83 -9.35
N GLU B 55 1.85 -35.49 -9.86
CA GLU B 55 1.27 -36.62 -9.14
C GLU B 55 2.31 -37.68 -8.81
N ASP B 56 3.14 -38.03 -9.79
CA ASP B 56 4.17 -39.04 -9.61
C ASP B 56 5.38 -38.47 -8.89
N LEU B 57 5.80 -37.28 -9.30
CA LEU B 57 6.93 -36.59 -8.69
C LEU B 57 6.73 -36.45 -7.18
N LEU B 58 5.47 -36.29 -6.78
CA LEU B 58 5.11 -36.16 -5.37
C LEU B 58 5.19 -37.49 -4.64
N ILE B 59 4.82 -38.56 -5.32
CA ILE B 59 4.78 -39.89 -4.73
C ILE B 59 6.16 -40.29 -4.20
N ARG B 60 7.21 -39.76 -4.80
CA ARG B 60 8.56 -40.07 -4.37
C ARG B 60 8.95 -39.34 -3.08
N LYS B 61 8.43 -38.12 -2.91
CA LYS B 61 8.78 -37.30 -1.76
C LYS B 61 8.37 -37.94 -0.44
N SER B 62 9.17 -37.75 0.60
CA SER B 62 8.78 -38.14 1.94
C SER B 62 8.52 -36.91 2.80
N ASN B 63 7.97 -37.14 3.99
CA ASN B 63 7.71 -36.04 4.92
C ASN B 63 8.96 -35.30 5.34
N HIS B 64 10.02 -36.05 5.64
CA HIS B 64 11.26 -35.47 6.15
C HIS B 64 12.00 -34.70 5.06
N SER B 65 11.51 -34.76 3.84
CA SER B 65 12.17 -34.09 2.71
C SER B 65 11.75 -32.63 2.59
N PHE B 66 10.67 -32.27 3.29
CA PHE B 66 10.23 -30.88 3.35
C PHE B 66 10.80 -30.21 4.58
N LEU B 67 11.56 -29.15 4.37
CA LEU B 67 12.01 -28.31 5.46
C LEU B 67 11.11 -27.08 5.60
N VAL B 68 10.19 -27.13 6.56
CA VAL B 68 9.30 -26.01 6.86
C VAL B 68 9.84 -25.16 8.02
N GLN B 69 10.02 -23.86 7.77
CA GLN B 69 10.62 -22.97 8.77
C GLN B 69 9.76 -21.75 9.12
N ALA B 70 9.45 -21.63 10.40
CA ALA B 70 8.68 -20.51 10.94
C ALA B 70 9.55 -19.76 11.95
N GLY B 71 10.05 -18.59 11.54
CA GLY B 71 11.01 -17.89 12.36
C GLY B 71 12.28 -18.71 12.46
N ASN B 72 12.76 -18.93 13.68
CA ASN B 72 13.97 -19.71 13.91
C ASN B 72 13.63 -21.16 14.15
N VAL B 73 12.40 -21.53 13.84
CA VAL B 73 11.88 -22.81 14.28
C VAL B 73 11.52 -23.72 13.11
N GLN B 74 12.03 -24.93 13.12
CA GLN B 74 11.72 -25.89 12.07
C GLN B 74 10.46 -26.66 12.44
N LEU B 75 9.47 -26.65 11.57
CA LEU B 75 8.22 -27.34 11.84
C LEU B 75 8.30 -28.75 11.27
N ARG B 76 7.91 -29.73 12.08
CA ARG B 76 8.00 -31.12 11.69
C ARG B 76 6.79 -31.49 10.83
N VAL B 77 7.07 -31.87 9.59
CA VAL B 77 6.03 -32.26 8.67
C VAL B 77 5.66 -33.71 8.94
N ILE B 78 4.40 -33.95 9.22
CA ILE B 78 3.92 -35.29 9.54
C ILE B 78 2.90 -35.79 8.53
N GLY B 79 2.79 -35.09 7.39
CA GLY B 79 1.86 -35.50 6.36
C GLY B 79 1.93 -34.59 5.15
N HIS B 80 1.60 -35.11 3.99
CA HIS B 80 1.61 -34.30 2.78
C HIS B 80 0.70 -34.89 1.72
N SER B 81 0.07 -34.01 0.96
CA SER B 81 -0.76 -34.39 -0.16
C SER B 81 -0.90 -33.21 -1.10
N MET B 82 -1.54 -33.46 -2.24
CA MET B 82 -1.72 -32.44 -3.26
C MET B 82 -3.18 -32.07 -3.36
N GLN B 83 -3.48 -30.79 -3.48
CA GLN B 83 -4.82 -30.34 -3.82
C GLN B 83 -4.68 -29.41 -4.99
N ASN B 84 -5.02 -29.93 -6.17
CA ASN B 84 -4.82 -29.20 -7.41
C ASN B 84 -3.40 -28.70 -7.48
N CYS B 85 -3.20 -27.39 -7.63
CA CYS B 85 -1.82 -26.89 -7.79
C CYS B 85 -1.11 -26.54 -6.47
N LEU B 86 -1.77 -26.85 -5.35
CA LEU B 86 -1.18 -26.61 -4.05
C LEU B 86 -0.67 -27.90 -3.39
N LEU B 87 0.45 -27.78 -2.68
CA LEU B 87 0.87 -28.83 -1.77
C LEU B 87 0.27 -28.53 -0.41
N ARG B 88 -0.19 -29.56 0.28
CA ARG B 88 -0.67 -29.43 1.65
C ARG B 88 0.21 -30.22 2.61
N LEU B 89 0.91 -29.52 3.48
CA LEU B 89 1.74 -30.17 4.48
C LEU B 89 1.02 -30.13 5.82
N LYS B 90 0.95 -31.28 6.48
CA LYS B 90 0.46 -31.28 7.85
C LYS B 90 1.68 -31.22 8.77
N VAL B 91 1.65 -30.28 9.72
CA VAL B 91 2.75 -30.13 10.66
C VAL B 91 2.29 -30.53 12.07
N ASP B 92 3.23 -30.75 12.98
CA ASP B 92 2.86 -31.22 14.33
C ASP B 92 2.42 -30.10 15.30
N THR B 93 2.44 -28.85 14.82
CA THR B 93 2.04 -27.71 15.64
C THR B 93 1.00 -26.86 14.91
N SER B 94 -0.14 -26.65 15.56
CA SER B 94 -1.18 -25.75 15.07
C SER B 94 -0.69 -24.31 15.30
N ASN B 95 -0.70 -23.50 14.24
CA ASN B 95 -0.20 -22.12 14.31
C ASN B 95 -0.96 -21.29 15.35
N PRO B 96 -0.27 -20.87 16.43
CA PRO B 96 -0.93 -20.11 17.50
C PRO B 96 -1.41 -18.76 17.00
N LYS B 97 -0.86 -18.29 15.88
CA LYS B 97 -1.26 -17.00 15.34
C LYS B 97 -2.39 -17.12 14.32
N THR B 98 -3.00 -18.30 14.23
CA THR B 98 -4.05 -18.50 13.23
C THR B 98 -5.20 -17.51 13.45
N PRO B 99 -5.46 -16.66 12.45
CA PRO B 99 -6.59 -15.74 12.61
C PRO B 99 -7.86 -16.45 12.20
N LYS B 100 -8.99 -15.82 12.45
CA LYS B 100 -10.24 -16.28 11.87
C LYS B 100 -10.06 -16.10 10.37
N TYR B 101 -10.44 -17.09 9.57
CA TYR B 101 -10.23 -16.96 8.13
C TYR B 101 -11.20 -17.74 7.27
N LYS B 102 -10.99 -17.58 5.96
CA LYS B 102 -11.91 -18.06 4.95
C LYS B 102 -11.13 -18.13 3.64
N PHE B 103 -11.36 -19.17 2.84
CA PHE B 103 -10.84 -19.24 1.49
C PHE B 103 -11.93 -18.80 0.53
N VAL B 104 -11.66 -17.79 -0.29
CA VAL B 104 -12.63 -17.36 -1.29
C VAL B 104 -11.99 -17.26 -2.68
N ARG B 105 -12.78 -17.49 -3.71
CA ARG B 105 -12.35 -17.27 -5.09
C ARG B 105 -12.96 -15.95 -5.52
N ILE B 106 -12.13 -14.99 -5.89
CA ILE B 106 -12.66 -13.69 -6.30
C ILE B 106 -12.95 -13.62 -7.80
N GLN B 107 -13.68 -12.58 -8.19
CA GLN B 107 -14.10 -12.36 -9.55
C GLN B 107 -13.15 -11.37 -10.20
N PRO B 108 -12.99 -11.46 -11.52
CA PRO B 108 -12.17 -10.46 -12.21
C PRO B 108 -12.66 -9.07 -11.82
N GLY B 109 -11.73 -8.13 -11.68
CA GLY B 109 -12.10 -6.77 -11.31
C GLY B 109 -11.94 -6.51 -9.82
N GLN B 110 -12.16 -7.52 -9.00
CA GLN B 110 -12.08 -7.34 -7.55
C GLN B 110 -10.65 -7.12 -7.06
N THR B 111 -10.52 -6.33 -5.99
CA THR B 111 -9.21 -5.95 -5.48
C THR B 111 -8.86 -6.77 -4.24
N PHE B 112 -7.58 -6.77 -3.90
CA PHE B 112 -7.10 -7.42 -2.69
C PHE B 112 -5.70 -6.92 -2.36
N SER B 113 -5.26 -7.20 -1.15
CA SER B 113 -3.91 -6.87 -0.74
C SER B 113 -2.99 -8.06 -0.91
N VAL B 114 -1.76 -7.77 -1.30
CA VAL B 114 -0.75 -8.79 -1.46
C VAL B 114 0.37 -8.56 -0.48
N LEU B 115 0.66 -9.58 0.33
CA LEU B 115 1.85 -9.55 1.18
C LEU B 115 2.99 -10.30 0.49
N ALA B 116 3.91 -9.55 -0.11
CA ALA B 116 5.04 -10.13 -0.82
C ALA B 116 6.04 -10.67 0.17
N CYS B 117 6.40 -11.95 0.03
CA CYS B 117 7.32 -12.63 0.93
C CYS B 117 8.50 -13.33 0.25
N TYR B 118 9.60 -13.42 0.97
CA TYR B 118 10.81 -14.09 0.50
C TYR B 118 11.42 -14.85 1.66
N ASN B 119 11.64 -16.15 1.46
CA ASN B 119 12.19 -17.00 2.52
C ASN B 119 11.30 -17.04 3.76
N GLY B 120 10.01 -16.82 3.57
CA GLY B 120 9.07 -16.82 4.67
C GLY B 120 8.97 -15.49 5.40
N SER B 121 9.77 -14.51 4.95
CA SER B 121 9.82 -13.20 5.59
C SER B 121 8.99 -12.18 4.81
N PRO B 122 7.91 -11.69 5.43
CA PRO B 122 7.13 -10.64 4.79
C PRO B 122 8.05 -9.47 4.49
N SER B 123 7.90 -8.89 3.31
CA SER B 123 8.81 -7.87 2.84
C SER B 123 8.08 -6.59 2.42
N GLY B 124 6.87 -6.74 1.88
CA GLY B 124 6.11 -5.57 1.45
C GLY B 124 4.64 -5.89 1.22
N VAL B 125 3.80 -4.88 1.25
CA VAL B 125 2.38 -5.08 1.05
C VAL B 125 1.86 -4.01 0.11
N TYR B 126 1.02 -4.42 -0.83
CA TYR B 126 0.39 -3.48 -1.77
C TYR B 126 -0.99 -3.93 -2.19
N GLN B 127 -1.79 -2.98 -2.66
CA GLN B 127 -3.15 -3.23 -3.10
C GLN B 127 -3.11 -3.43 -4.61
N CYS B 128 -3.87 -4.41 -5.12
CA CYS B 128 -4.00 -4.58 -6.57
C CYS B 128 -5.37 -5.14 -6.97
N ALA B 129 -5.58 -5.31 -8.28
CA ALA B 129 -6.81 -5.89 -8.78
C ALA B 129 -6.54 -7.12 -9.63
N MET B 130 -7.41 -8.10 -9.50
CA MET B 130 -7.53 -9.18 -10.47
C MET B 130 -7.96 -8.57 -11.78
N ARG B 131 -7.07 -8.50 -12.76
CA ARG B 131 -7.43 -7.95 -14.08
C ARG B 131 -8.50 -8.80 -14.77
N PRO B 132 -9.29 -8.17 -15.66
CA PRO B 132 -10.25 -8.93 -16.48
C PRO B 132 -9.60 -10.10 -17.22
N ASN B 133 -8.33 -9.98 -17.61
CA ASN B 133 -7.65 -11.09 -18.29
C ASN B 133 -7.08 -12.13 -17.30
N HIS B 134 -7.52 -12.04 -16.03
CA HIS B 134 -7.21 -13.05 -15.02
C HIS B 134 -5.76 -13.08 -14.53
N THR B 135 -5.02 -12.01 -14.79
CA THR B 135 -3.68 -11.85 -14.23
C THR B 135 -3.69 -10.73 -13.19
N ILE B 136 -2.62 -10.61 -12.40
CA ILE B 136 -2.44 -9.41 -11.60
C ILE B 136 -1.16 -8.71 -12.01
N LYS B 137 -1.19 -7.38 -11.97
CA LYS B 137 0.00 -6.60 -12.24
C LYS B 137 0.69 -6.40 -10.90
N GLY B 138 1.46 -7.39 -10.49
CA GLY B 138 2.11 -7.32 -9.22
C GLY B 138 3.54 -6.85 -9.32
N SER B 139 4.27 -7.09 -8.25
CA SER B 139 5.69 -6.80 -8.17
C SER B 139 6.28 -7.94 -7.34
N PHE B 140 6.92 -8.87 -8.04
CA PHE B 140 7.46 -10.08 -7.42
C PHE B 140 8.86 -10.39 -7.96
N LEU B 141 9.76 -10.79 -7.07
CA LEU B 141 11.08 -11.25 -7.49
C LEU B 141 11.17 -12.76 -7.37
N ASN B 142 12.35 -13.31 -7.63
CA ASN B 142 12.57 -14.75 -7.43
C ASN B 142 12.33 -15.09 -5.97
N GLY B 143 11.64 -16.20 -5.72
CA GLY B 143 11.38 -16.65 -4.36
C GLY B 143 10.10 -16.12 -3.73
N SER B 144 9.28 -15.43 -4.53
CA SER B 144 8.05 -14.82 -4.01
C SER B 144 6.83 -15.75 -4.08
N CYS B 145 6.96 -16.85 -4.81
CA CYS B 145 5.84 -17.84 -4.92
C CYS B 145 5.43 -18.28 -3.55
N GLY B 146 4.12 -18.45 -3.36
CA GLY B 146 3.60 -18.71 -2.05
C GLY B 146 3.11 -17.44 -1.36
N SER B 147 3.57 -16.26 -1.79
CA SER B 147 2.98 -15.00 -1.31
C SER B 147 1.46 -15.00 -1.55
N VAL B 148 0.68 -14.47 -0.61
CA VAL B 148 -0.78 -14.47 -0.75
C VAL B 148 -1.45 -13.10 -0.88
N GLY B 149 -2.63 -13.11 -1.46
CA GLY B 149 -3.50 -11.95 -1.53
C GLY B 149 -4.70 -12.22 -0.66
N PHE B 150 -5.31 -11.17 -0.14
CA PHE B 150 -6.34 -11.36 0.86
C PHE B 150 -7.10 -10.07 1.07
N ASN B 151 -8.28 -10.20 1.67
CA ASN B 151 -9.04 -9.07 2.17
C ASN B 151 -9.30 -9.34 3.66
N ILE B 152 -9.76 -8.31 4.35
CA ILE B 152 -10.15 -8.49 5.74
C ILE B 152 -11.57 -7.96 5.96
N ASP B 153 -12.39 -8.76 6.62
CA ASP B 153 -13.77 -8.38 6.93
C ASP B 153 -13.97 -8.49 8.44
N TYR B 154 -14.16 -7.36 9.09
CA TYR B 154 -14.19 -7.31 10.54
C TYR B 154 -12.93 -7.91 11.15
N ASP B 155 -12.97 -9.19 11.49
CA ASP B 155 -11.81 -9.85 12.11
C ASP B 155 -11.37 -11.09 11.34
N CYS B 156 -12.01 -11.33 10.21
CA CYS B 156 -11.81 -12.52 9.41
C CYS B 156 -10.96 -12.24 8.16
N VAL B 157 -9.89 -13.02 7.99
CA VAL B 157 -9.08 -12.90 6.78
C VAL B 157 -9.65 -13.77 5.68
N SER B 158 -10.02 -13.15 4.56
CA SER B 158 -10.42 -13.90 3.36
C SER B 158 -9.22 -14.04 2.44
N PHE B 159 -8.63 -15.23 2.39
CA PHE B 159 -7.53 -15.49 1.47
C PHE B 159 -8.10 -15.79 0.09
N CYS B 160 -7.54 -15.15 -0.93
CA CYS B 160 -8.13 -15.27 -2.26
C CYS B 160 -7.09 -15.48 -3.34
N TYR B 161 -5.82 -15.48 -2.97
CA TYR B 161 -4.77 -15.60 -3.98
C TYR B 161 -3.49 -16.17 -3.41
N MET B 162 -2.89 -17.08 -4.17
CA MET B 162 -1.54 -17.51 -3.88
C MET B 162 -0.75 -17.48 -5.18
N HIS B 163 0.45 -16.93 -5.08
CA HIS B 163 1.21 -16.59 -6.25
C HIS B 163 2.01 -17.78 -6.76
N HIS B 164 1.99 -17.99 -8.08
CA HIS B 164 2.67 -19.12 -8.70
C HIS B 164 3.68 -18.72 -9.77
N MET B 165 3.33 -17.73 -10.60
CA MET B 165 4.22 -17.45 -11.72
C MET B 165 4.19 -16.06 -12.33
N GLU B 166 5.25 -15.77 -13.08
CA GLU B 166 5.34 -14.53 -13.84
C GLU B 166 5.25 -14.84 -15.34
N LEU B 167 4.36 -14.14 -16.03
CA LEU B 167 4.18 -14.35 -17.46
C LEU B 167 5.18 -13.50 -18.25
N PRO B 168 5.41 -13.87 -19.53
CA PRO B 168 6.36 -13.14 -20.36
C PRO B 168 6.18 -11.62 -20.33
N THR B 169 4.95 -11.11 -20.22
CA THR B 169 4.76 -9.65 -20.19
C THR B 169 5.10 -8.99 -18.86
N GLY B 170 5.54 -9.77 -17.88
CA GLY B 170 5.89 -9.22 -16.58
C GLY B 170 4.73 -9.13 -15.60
N VAL B 171 3.58 -9.70 -15.96
CA VAL B 171 2.44 -9.75 -15.06
C VAL B 171 2.37 -11.13 -14.43
N HIS B 172 1.40 -11.35 -13.55
CA HIS B 172 1.47 -12.50 -12.66
C HIS B 172 0.23 -13.35 -12.63
N ALA B 173 0.42 -14.63 -12.34
CA ALA B 173 -0.67 -15.59 -12.35
C ALA B 173 -0.58 -16.50 -11.15
N GLY B 174 -1.73 -16.93 -10.64
CA GLY B 174 -1.74 -17.81 -9.49
C GLY B 174 -3.09 -18.42 -9.24
N THR B 175 -3.26 -19.00 -8.05
CA THR B 175 -4.44 -19.78 -7.73
C THR B 175 -5.24 -19.18 -6.59
N ASP B 176 -6.47 -19.68 -6.41
CA ASP B 176 -7.19 -19.49 -5.16
C ASP B 176 -6.55 -20.43 -4.15
N LEU B 177 -7.06 -20.43 -2.93
CA LEU B 177 -6.46 -21.26 -1.89
C LEU B 177 -6.96 -22.71 -1.94
N GLU B 178 -7.74 -23.03 -2.99
CA GLU B 178 -8.04 -24.42 -3.30
C GLU B 178 -7.10 -24.97 -4.37
N GLY B 179 -6.16 -24.14 -4.82
CA GLY B 179 -5.16 -24.58 -5.79
C GLY B 179 -5.60 -24.47 -7.24
N LYS B 180 -6.79 -23.91 -7.46
CA LYS B 180 -7.29 -23.74 -8.82
C LYS B 180 -6.90 -22.39 -9.40
N PHE B 181 -6.11 -22.42 -10.47
CA PHE B 181 -5.65 -21.20 -11.12
C PHE B 181 -6.77 -20.22 -11.48
N TYR B 182 -6.46 -18.93 -11.36
CA TYR B 182 -7.25 -17.91 -12.04
C TYR B 182 -6.77 -17.83 -13.50
N GLY B 183 -7.70 -17.90 -14.45
CA GLY B 183 -7.33 -17.86 -15.85
C GLY B 183 -7.02 -19.24 -16.41
N PRO B 184 -6.65 -19.31 -17.69
CA PRO B 184 -6.42 -20.62 -18.33
C PRO B 184 -5.02 -21.16 -18.04
N PHE B 185 -4.32 -20.56 -17.09
CA PHE B 185 -2.90 -20.84 -16.89
C PHE B 185 -2.59 -22.14 -16.16
N VAL B 186 -1.43 -22.72 -16.47
CA VAL B 186 -0.96 -23.94 -15.82
C VAL B 186 0.44 -23.72 -15.26
N ASP B 187 0.78 -24.48 -14.23
CA ASP B 187 2.07 -24.32 -13.59
C ASP B 187 3.18 -25.19 -14.20
N ARG B 188 3.67 -24.73 -15.35
CA ARG B 188 4.84 -25.29 -16.02
C ARG B 188 5.59 -24.13 -16.69
N GLN B 189 6.91 -24.24 -16.78
CA GLN B 189 7.70 -23.21 -17.47
C GLN B 189 7.65 -23.37 -19.00
N THR B 190 6.44 -23.55 -19.52
CA THR B 190 6.20 -23.54 -20.96
C THR B 190 5.79 -22.14 -21.36
N ALA B 191 5.52 -21.95 -22.65
CA ALA B 191 5.13 -20.65 -23.15
C ALA B 191 3.64 -20.42 -22.93
N GLN B 192 3.31 -19.42 -22.13
CA GLN B 192 1.93 -19.03 -21.90
C GLN B 192 1.86 -17.52 -21.98
N ALA B 193 0.76 -16.99 -22.47
CA ALA B 193 0.64 -15.55 -22.60
C ALA B 193 -0.68 -15.09 -22.03
N ALA B 194 -0.71 -13.85 -21.54
CA ALA B 194 -1.95 -13.27 -21.07
C ALA B 194 -2.76 -12.72 -22.25
N GLY B 195 -4.08 -12.84 -22.15
CA GLY B 195 -4.96 -12.24 -23.12
C GLY B 195 -4.92 -10.72 -23.05
N THR B 196 -5.36 -10.09 -24.12
CA THR B 196 -5.54 -8.65 -24.11
C THR B 196 -6.37 -8.28 -22.89
N ASP B 197 -6.01 -7.20 -22.22
CA ASP B 197 -6.70 -6.80 -21.00
C ASP B 197 -7.59 -5.59 -21.31
N THR B 198 -8.57 -5.37 -20.44
CA THR B 198 -9.47 -4.25 -20.59
C THR B 198 -9.47 -3.42 -19.30
N THR B 199 -10.01 -2.21 -19.39
CA THR B 199 -10.17 -1.38 -18.20
C THR B 199 -11.41 -1.77 -17.41
N ILE B 200 -11.27 -1.86 -16.09
CA ILE B 200 -12.37 -2.29 -15.22
C ILE B 200 -13.37 -1.17 -15.01
N THR B 201 -14.33 -1.11 -15.92
CA THR B 201 -15.31 -0.04 -15.96
C THR B 201 -16.04 0.17 -14.63
N LEU B 202 -16.49 -0.92 -14.02
CA LEU B 202 -17.19 -0.85 -12.75
C LEU B 202 -16.38 -0.03 -11.72
N ASN B 203 -15.08 -0.30 -11.66
CA ASN B 203 -14.17 0.37 -10.72
C ASN B 203 -13.94 1.83 -11.06
N VAL B 204 -13.82 2.15 -12.34
CA VAL B 204 -13.67 3.54 -12.76
C VAL B 204 -14.87 4.33 -12.26
N LEU B 205 -16.06 3.80 -12.51
CA LEU B 205 -17.28 4.46 -12.08
C LEU B 205 -17.32 4.63 -10.56
N ALA B 206 -16.89 3.61 -9.83
CA ALA B 206 -16.80 3.70 -8.36
C ALA B 206 -15.91 4.86 -7.93
N TRP B 207 -14.79 4.98 -8.62
CA TRP B 207 -13.78 5.98 -8.34
C TRP B 207 -14.30 7.39 -8.63
N LEU B 208 -15.00 7.54 -9.77
CA LEU B 208 -15.69 8.78 -10.09
C LEU B 208 -16.67 9.15 -8.98
N TYR B 209 -17.33 8.15 -8.43
CA TYR B 209 -18.21 8.40 -7.28
C TYR B 209 -17.39 8.84 -6.07
N ALA B 210 -16.24 8.20 -5.88
CA ALA B 210 -15.33 8.57 -4.80
C ALA B 210 -14.96 10.04 -4.93
N ALA B 211 -14.57 10.44 -6.13
CA ALA B 211 -14.20 11.83 -6.43
C ALA B 211 -15.34 12.76 -6.06
N VAL B 212 -16.54 12.44 -6.52
CA VAL B 212 -17.67 13.28 -6.18
C VAL B 212 -17.85 13.36 -4.66
N ILE B 213 -17.72 12.22 -3.98
CA ILE B 213 -17.90 12.21 -2.53
C ILE B 213 -16.90 13.17 -1.87
N ASN B 214 -15.70 13.25 -2.44
CA ASN B 214 -14.66 14.14 -1.93
C ASN B 214 -14.69 15.56 -2.50
N GLY B 215 -15.79 15.93 -3.14
CA GLY B 215 -15.98 17.28 -3.63
C GLY B 215 -15.35 17.55 -4.99
N ASP B 216 -14.79 16.51 -5.59
CA ASP B 216 -14.20 16.64 -6.91
C ASP B 216 -15.24 16.24 -7.95
N ARG B 217 -15.95 17.21 -8.53
CA ARG B 217 -17.15 16.93 -9.32
C ARG B 217 -17.30 17.78 -10.60
N TRP B 218 -16.19 18.35 -11.08
CA TRP B 218 -16.24 19.21 -12.26
C TRP B 218 -16.68 18.48 -13.54
N PHE B 219 -16.48 17.16 -13.58
CA PHE B 219 -16.72 16.38 -14.79
C PHE B 219 -18.18 15.99 -14.95
N LEU B 220 -19.00 16.28 -13.95
CA LEU B 220 -20.42 15.96 -14.03
C LEU B 220 -21.13 16.84 -15.04
N ASN B 221 -22.10 16.27 -15.76
CA ASN B 221 -22.88 17.01 -16.75
C ASN B 221 -24.40 16.79 -16.56
N ARG B 222 -25.24 17.49 -17.32
CA ARG B 222 -26.68 17.38 -17.10
C ARG B 222 -27.36 16.40 -18.06
N PHE B 223 -26.60 15.44 -18.58
CA PHE B 223 -27.12 14.47 -19.51
C PHE B 223 -27.10 13.04 -18.96
N THR B 224 -27.71 12.13 -19.71
CA THR B 224 -27.68 10.72 -19.38
C THR B 224 -27.44 9.92 -20.66
N THR B 225 -27.28 8.60 -20.52
CA THR B 225 -27.05 7.76 -21.67
C THR B 225 -27.80 6.45 -21.43
N THR B 226 -28.08 5.70 -22.49
CA THR B 226 -28.56 4.36 -22.27
C THR B 226 -27.31 3.53 -22.06
N LEU B 227 -27.50 2.34 -21.49
CA LEU B 227 -26.40 1.44 -21.22
C LEU B 227 -25.70 1.06 -22.52
N ASN B 228 -26.51 0.70 -23.51
CA ASN B 228 -26.02 0.31 -24.82
C ASN B 228 -25.20 1.40 -25.46
N ASP B 229 -25.67 2.64 -25.40
CA ASP B 229 -24.95 3.75 -25.98
C ASP B 229 -23.63 3.98 -25.25
N PHE B 230 -23.64 3.78 -23.93
CA PHE B 230 -22.41 3.91 -23.17
C PHE B 230 -21.39 2.87 -23.63
N ASN B 231 -21.79 1.61 -23.67
CA ASN B 231 -20.90 0.53 -24.10
C ASN B 231 -20.34 0.66 -25.51
N LEU B 232 -21.16 1.11 -26.43
CA LEU B 232 -20.69 1.38 -27.79
C LEU B 232 -19.49 2.32 -27.75
N VAL B 233 -19.57 3.37 -26.95
CA VAL B 233 -18.44 4.29 -26.81
C VAL B 233 -17.29 3.68 -26.02
N ALA B 234 -17.57 3.20 -24.82
CA ALA B 234 -16.51 2.78 -23.90
C ALA B 234 -15.66 1.62 -24.42
N MET B 235 -16.29 0.70 -25.14
CA MET B 235 -15.54 -0.45 -25.64
C MET B 235 -14.49 -0.07 -26.70
N LYS B 236 -14.64 1.11 -27.28
CA LYS B 236 -13.66 1.60 -28.24
C LYS B 236 -12.41 2.07 -27.52
N TYR B 237 -12.56 2.37 -26.23
CA TYR B 237 -11.46 2.81 -25.39
C TYR B 237 -10.92 1.65 -24.58
N ASN B 238 -11.34 0.45 -24.95
CA ASN B 238 -10.89 -0.78 -24.30
C ASN B 238 -11.42 -0.97 -22.88
N TYR B 239 -12.66 -0.52 -22.64
CA TYR B 239 -13.30 -0.70 -21.34
C TYR B 239 -14.16 -1.96 -21.34
N GLU B 240 -14.18 -2.67 -20.22
CA GLU B 240 -15.14 -3.76 -20.05
C GLU B 240 -16.53 -3.26 -20.35
N PRO B 241 -17.32 -4.07 -21.05
CA PRO B 241 -18.74 -3.79 -21.23
C PRO B 241 -19.38 -3.65 -19.87
N LEU B 242 -20.27 -2.68 -19.72
CA LEU B 242 -20.93 -2.50 -18.44
C LEU B 242 -22.28 -3.23 -18.47
N THR B 243 -22.55 -4.02 -17.42
CA THR B 243 -23.79 -4.79 -17.37
C THR B 243 -24.79 -4.18 -16.39
N GLN B 244 -26.04 -4.63 -16.44
CA GLN B 244 -27.05 -4.21 -15.50
C GLN B 244 -26.72 -4.66 -14.09
N ASP B 245 -25.98 -5.76 -14.00
CA ASP B 245 -25.56 -6.26 -12.72
C ASP B 245 -24.58 -5.27 -12.11
N HIS B 246 -23.64 -4.81 -12.94
CA HIS B 246 -22.70 -3.78 -12.50
C HIS B 246 -23.42 -2.50 -12.07
N VAL B 247 -24.38 -2.07 -12.87
CA VAL B 247 -25.20 -0.90 -12.54
C VAL B 247 -25.83 -1.03 -11.15
N ASP B 248 -26.36 -2.23 -10.86
CA ASP B 248 -26.95 -2.48 -9.53
C ASP B 248 -25.89 -2.48 -8.43
N ILE B 249 -24.67 -2.87 -8.76
CA ILE B 249 -23.66 -2.91 -7.72
C ILE B 249 -23.32 -1.47 -7.29
N LEU B 250 -23.47 -0.53 -8.23
CA LEU B 250 -23.16 0.87 -7.95
C LEU B 250 -24.31 1.56 -7.24
N GLY B 251 -25.38 0.82 -6.97
CA GLY B 251 -26.57 1.36 -6.33
C GLY B 251 -26.30 2.23 -5.10
N PRO B 252 -25.67 1.65 -4.07
CA PRO B 252 -25.41 2.43 -2.86
C PRO B 252 -24.60 3.70 -3.10
N LEU B 253 -23.60 3.67 -3.99
CA LEU B 253 -22.85 4.88 -4.27
C LEU B 253 -23.72 5.91 -4.99
N SER B 254 -24.57 5.43 -5.88
CA SER B 254 -25.54 6.25 -6.59
C SER B 254 -26.55 6.89 -5.63
N ALA B 255 -27.10 6.11 -4.70
CA ALA B 255 -28.02 6.64 -3.72
C ALA B 255 -27.38 7.73 -2.87
N GLN B 256 -26.15 7.49 -2.41
CA GLN B 256 -25.43 8.39 -1.52
C GLN B 256 -25.17 9.77 -2.12
N THR B 257 -24.82 9.78 -3.41
CA THR B 257 -24.48 11.03 -4.09
C THR B 257 -25.68 11.59 -4.86
N GLY B 258 -26.75 10.80 -4.96
CA GLY B 258 -27.92 11.23 -5.71
C GLY B 258 -27.71 11.24 -7.22
N ILE B 259 -26.63 10.61 -7.67
CA ILE B 259 -26.33 10.56 -9.10
C ILE B 259 -26.61 9.18 -9.71
N ALA B 260 -27.66 9.10 -10.53
CA ALA B 260 -27.97 7.88 -11.27
C ALA B 260 -26.75 7.35 -12.04
N VAL B 261 -26.62 6.03 -12.07
CA VAL B 261 -25.45 5.43 -12.70
C VAL B 261 -25.27 5.81 -14.17
N LEU B 262 -26.36 5.84 -14.91
CA LEU B 262 -26.28 6.24 -16.32
C LEU B 262 -25.93 7.72 -16.50
N ASP B 263 -26.27 8.55 -15.52
CA ASP B 263 -25.88 9.95 -15.57
C ASP B 263 -24.38 10.01 -15.39
N MET B 264 -23.86 9.21 -14.45
CA MET B 264 -22.41 9.13 -14.30
C MET B 264 -21.75 8.52 -15.55
N CYS B 265 -22.40 7.53 -16.17
CA CYS B 265 -21.84 6.95 -17.38
C CYS B 265 -21.71 8.00 -18.46
N ALA B 266 -22.67 8.92 -18.51
CA ALA B 266 -22.58 10.04 -19.45
C ALA B 266 -21.36 10.91 -19.15
N ALA B 267 -21.07 11.13 -17.86
CA ALA B 267 -19.88 11.87 -17.48
C ALA B 267 -18.63 11.15 -17.96
N LEU B 268 -18.61 9.83 -17.77
CA LEU B 268 -17.44 9.03 -18.12
C LEU B 268 -17.23 9.02 -19.65
N LYS B 269 -18.33 8.96 -20.39
CA LYS B 269 -18.28 8.94 -21.85
C LYS B 269 -17.67 10.25 -22.34
N GLU B 270 -18.14 11.35 -21.78
CA GLU B 270 -17.63 12.66 -22.17
C GLU B 270 -16.14 12.73 -21.84
N LEU B 271 -15.74 12.12 -20.72
CA LEU B 271 -14.34 12.13 -20.30
C LEU B 271 -13.44 11.33 -21.22
N LEU B 272 -13.98 10.26 -21.80
CA LEU B 272 -13.19 9.40 -22.67
C LEU B 272 -12.98 10.07 -24.03
N GLN B 273 -14.05 10.62 -24.57
CA GLN B 273 -14.02 11.23 -25.89
C GLN B 273 -13.30 12.58 -25.91
N ASN B 274 -13.18 13.24 -24.75
CA ASN B 274 -12.62 14.59 -24.68
C ASN B 274 -11.36 14.72 -23.84
N GLY B 275 -11.05 13.72 -23.04
CA GLY B 275 -9.94 13.82 -22.10
C GLY B 275 -10.28 14.77 -20.96
N MET B 276 -9.31 15.01 -20.08
CA MET B 276 -9.55 15.88 -18.93
C MET B 276 -9.32 17.35 -19.23
N ASN B 277 -8.47 17.63 -20.22
CA ASN B 277 -8.09 19.00 -20.55
C ASN B 277 -7.25 19.64 -19.45
N GLY B 278 -6.23 18.93 -19.01
CA GLY B 278 -5.31 19.46 -18.01
C GLY B 278 -5.74 19.25 -16.59
N ARG B 279 -7.06 19.20 -16.35
CA ARG B 279 -7.58 19.04 -14.99
C ARG B 279 -7.21 17.67 -14.42
N THR B 280 -7.48 17.47 -13.13
CA THR B 280 -7.29 16.18 -12.48
C THR B 280 -8.55 15.73 -11.75
N ILE B 281 -8.51 14.50 -11.26
CA ILE B 281 -9.62 13.91 -10.52
C ILE B 281 -9.02 13.13 -9.38
N LEU B 282 -9.42 13.45 -8.15
CA LEU B 282 -8.76 12.90 -6.96
C LEU B 282 -7.25 12.94 -7.08
N GLY B 283 -6.73 14.00 -7.68
CA GLY B 283 -5.30 14.21 -7.82
C GLY B 283 -4.64 13.39 -8.92
N SER B 284 -5.43 12.58 -9.62
CA SER B 284 -4.90 11.73 -10.67
C SER B 284 -5.17 12.31 -12.07
N THR B 285 -4.21 12.11 -12.98
CA THR B 285 -4.38 12.52 -14.37
C THR B 285 -5.00 11.38 -15.16
N ILE B 286 -5.06 10.22 -14.52
CA ILE B 286 -5.55 8.99 -15.13
C ILE B 286 -6.85 8.52 -14.49
N LEU B 287 -7.72 7.89 -15.27
CA LEU B 287 -8.94 7.27 -14.74
C LEU B 287 -8.60 5.97 -14.02
N GLU B 288 -8.82 5.96 -12.71
CA GLU B 288 -8.36 4.84 -11.87
C GLU B 288 -9.32 3.64 -11.94
N ASP B 289 -8.77 2.43 -12.07
CA ASP B 289 -9.62 1.24 -12.11
C ASP B 289 -9.31 0.16 -11.08
N GLU B 290 -8.56 0.51 -10.03
CA GLU B 290 -8.28 -0.45 -8.98
C GLU B 290 -8.96 -0.14 -7.63
N PHE B 291 -10.06 0.59 -7.66
CA PHE B 291 -10.94 0.72 -6.50
C PHE B 291 -12.30 0.14 -6.83
N THR B 292 -12.73 -0.86 -6.07
CA THR B 292 -14.07 -1.40 -6.26
C THR B 292 -15.12 -0.50 -5.60
N PRO B 293 -16.39 -0.69 -5.96
CA PRO B 293 -17.45 0.05 -5.27
C PRO B 293 -17.33 -0.11 -3.74
N PHE B 294 -17.04 -1.32 -3.29
CA PHE B 294 -16.93 -1.56 -1.88
C PHE B 294 -15.68 -0.91 -1.26
N ASP B 295 -14.55 -0.93 -1.97
CA ASP B 295 -13.37 -0.21 -1.52
C ASP B 295 -13.73 1.24 -1.19
N VAL B 296 -14.50 1.86 -2.09
CA VAL B 296 -14.86 3.26 -1.98
C VAL B 296 -15.68 3.51 -0.72
N VAL B 297 -16.62 2.62 -0.43
CA VAL B 297 -17.46 2.74 0.75
C VAL B 297 -16.62 2.55 2.00
N ARG B 298 -15.78 1.52 2.00
CA ARG B 298 -14.93 1.22 3.14
CA ARG B 298 -14.98 1.24 3.17
C ARG B 298 -14.10 2.44 3.53
N GLN B 299 -13.44 3.03 2.54
CA GLN B 299 -12.53 4.15 2.81
C GLN B 299 -13.24 5.44 3.19
N CYS B 300 -14.24 5.83 2.41
CA CYS B 300 -14.98 7.05 2.68
C CYS B 300 -15.76 6.91 4.00
N SER B 301 -15.72 5.72 4.58
CA SER B 301 -16.44 5.43 5.83
C SER B 301 -15.53 5.07 7.02
N GLY B 302 -14.22 5.26 6.85
CA GLY B 302 -13.25 4.99 7.91
C GLY B 302 -13.30 3.61 8.56
N VAL B 303 -13.82 2.63 7.82
CA VAL B 303 -13.91 1.25 8.32
C VAL B 303 -12.59 0.77 8.92
N THR B 304 -12.68 0.16 10.10
CA THR B 304 -11.53 -0.46 10.74
C THR B 304 -11.72 -1.97 10.89
N PHE B 305 -10.67 -2.65 11.34
CA PHE B 305 -10.68 -4.10 11.46
C PHE B 305 -10.22 -4.56 12.85
N GLN B 306 -10.89 -5.58 13.39
CA GLN B 306 -10.58 -6.06 14.72
C GLN B 306 -9.73 -7.35 14.67
N ALA C 2 -5.89 25.16 10.05
CA ALA C 2 -5.50 23.79 10.27
C ALA C 2 -6.44 23.17 11.26
N VAL C 3 -6.78 21.91 11.04
CA VAL C 3 -7.68 21.19 11.92
C VAL C 3 -6.94 20.12 12.67
N LEU C 4 -7.06 20.10 14.00
CA LEU C 4 -6.40 19.09 14.80
C LEU C 4 -7.08 17.79 14.50
N ALA D 2 6.49 -19.03 -19.36
CA ALA D 2 6.19 -18.49 -18.04
C ALA D 2 7.24 -18.97 -17.08
N VAL D 3 7.45 -18.22 -16.00
CA VAL D 3 8.44 -18.60 -15.00
C VAL D 3 7.78 -18.93 -13.68
N LEU D 4 8.07 -20.10 -13.13
CA LEU D 4 7.49 -20.47 -11.84
C LEU D 4 8.26 -19.73 -10.78
#